data_3KR2
#
_entry.id   3KR2
#
_cell.length_a   94.426
_cell.length_b   94.426
_cell.length_c   188.185
_cell.angle_alpha   90.000
_cell.angle_beta   90.000
_cell.angle_gamma   90.000
#
_symmetry.space_group_name_H-M   'P 43 21 2'
#
loop_
_entity.id
_entity.type
_entity.pdbx_description
1 polymer 'Phenylethanolamine N-methyltransferase'
2 non-polymer S-ADENOSYL-L-HOMOCYSTEINE
3 non-polymer 6-fluoro-1H-benzimidazol-2-amine
4 water water
#
_entity_poly.entity_id   1
_entity_poly.type   'polypeptide(L)'
_entity_poly.pdbx_seq_one_letter_code
;MSGADRSPNAGAAPDSAPGQAAVASAYQRFEPRAYLRNNYAPPRGDLCNPNGVGPWKLRCLAQTFATGEVSGRTLIDIGS
GPTVYQLLSACSHFEDITMTDFLEVNRQELGRWLQEEPGAFNWSMYSQHACLIEGKGECWQDKERQLRARVKRVLPIDVH
QPQPLGAGSPAPLPADALVSAFCLEAVSPDLASFQRALDHITTLLRPGGHLLLIGALEESWYLAGEARLTVVPVSEEEVR
EALVRSGYKVRDLRTYIMPAHLQTGVDDVKGVFFAWAQKVGLEHHHHHH
;
_entity_poly.pdbx_strand_id   A,B
#
# COMPACT_ATOMS: atom_id res chain seq x y z
N ALA A 24 35.02 -14.71 11.47
CA ALA A 24 35.17 -13.94 10.24
C ALA A 24 35.12 -14.85 9.00
N SER A 25 36.08 -15.77 8.89
CA SER A 25 36.11 -16.70 7.77
C SER A 25 34.82 -17.51 7.67
N ALA A 26 34.03 -17.48 8.74
CA ALA A 26 32.70 -18.08 8.72
C ALA A 26 31.81 -17.37 7.70
N TYR A 27 32.07 -16.08 7.50
CA TYR A 27 31.26 -15.26 6.58
C TYR A 27 31.45 -15.70 5.13
N GLN A 28 32.43 -16.57 4.91
CA GLN A 28 32.69 -17.06 3.58
C GLN A 28 31.70 -18.15 3.16
N ARG A 29 30.93 -18.66 4.12
CA ARG A 29 29.87 -19.62 3.82
C ARG A 29 28.47 -18.97 3.78
N PHE A 30 28.40 -17.73 4.27
CA PHE A 30 27.17 -16.94 4.39
C PHE A 30 26.31 -16.92 3.12
N GLU A 31 25.12 -17.51 3.17
CA GLU A 31 24.18 -17.49 2.02
C GLU A 31 23.12 -16.36 2.13
N PRO A 32 23.26 -15.32 1.31
CA PRO A 32 22.29 -14.21 1.27
C PRO A 32 20.82 -14.66 1.21
N ARG A 33 20.48 -15.60 0.34
CA ARG A 33 19.09 -16.05 0.23
C ARG A 33 18.61 -16.73 1.52
N ALA A 34 19.50 -17.46 2.18
CA ALA A 34 19.09 -18.11 3.41
C ALA A 34 18.96 -17.07 4.53
N TYR A 35 19.80 -16.05 4.49
CA TYR A 35 19.72 -14.96 5.48
C TYR A 35 18.39 -14.22 5.34
N LEU A 36 18.12 -13.72 4.13
CA LEU A 36 16.86 -13.06 3.82
C LEU A 36 15.65 -13.89 4.24
N ARG A 37 15.63 -15.13 3.81
CA ARG A 37 14.57 -16.05 4.18
C ARG A 37 14.39 -16.13 5.71
N ASN A 38 15.49 -16.15 6.44
CA ASN A 38 15.48 -16.41 7.88
C ASN A 38 14.95 -15.23 8.67
N ASN A 39 15.14 -14.03 8.11
CA ASN A 39 14.87 -12.81 8.86
C ASN A 39 13.86 -11.84 8.23
N TYR A 40 13.60 -12.01 6.95
CA TYR A 40 12.77 -11.05 6.22
C TYR A 40 11.63 -11.70 5.43
N ALA A 41 11.35 -12.96 5.71
CA ALA A 41 10.17 -13.65 5.20
C ALA A 41 9.36 -14.11 6.41
N PRO A 42 8.09 -14.45 6.21
CA PRO A 42 7.28 -14.79 7.38
C PRO A 42 7.99 -15.81 8.24
N PRO A 43 7.79 -15.77 9.56
CA PRO A 43 6.92 -14.86 10.32
C PRO A 43 7.53 -13.48 10.55
N ARG A 44 8.85 -13.38 10.63
CA ARG A 44 9.49 -12.12 10.99
C ARG A 44 9.28 -11.08 9.91
N GLY A 45 9.07 -11.54 8.69
CA GLY A 45 8.85 -10.62 7.58
C GLY A 45 7.38 -10.30 7.33
N ASP A 46 6.49 -10.86 8.14
CA ASP A 46 5.07 -10.54 8.02
C ASP A 46 4.83 -9.20 8.70
N LEU A 47 4.56 -8.17 7.91
CA LEU A 47 4.40 -6.82 8.44
C LEU A 47 2.96 -6.44 8.85
N CYS A 48 2.00 -7.35 8.68
CA CYS A 48 0.59 -6.98 8.93
C CYS A 48 0.36 -6.64 10.42
N ASN A 49 0.89 -7.46 11.31
CA ASN A 49 0.77 -7.23 12.75
C ASN A 49 1.72 -6.12 13.19
N PRO A 50 1.18 -5.05 13.76
CA PRO A 50 1.98 -3.87 14.12
C PRO A 50 2.93 -4.16 15.28
N ASN A 51 2.66 -5.20 16.06
CA ASN A 51 3.49 -5.58 17.21
C ASN A 51 4.73 -6.39 16.85
N GLY A 52 4.97 -6.56 15.55
CA GLY A 52 6.10 -7.35 15.11
C GLY A 52 7.38 -6.54 15.00
N VAL A 53 8.50 -7.22 14.79
CA VAL A 53 9.80 -6.59 14.78
C VAL A 53 10.01 -5.72 13.53
N GLY A 54 9.49 -6.17 12.39
CA GLY A 54 9.65 -5.41 11.16
C GLY A 54 9.00 -4.02 11.26
N PRO A 55 7.72 -3.99 11.64
CA PRO A 55 7.05 -2.69 11.82
C PRO A 55 7.72 -1.80 12.87
N TRP A 56 8.14 -2.41 13.97
CA TRP A 56 8.86 -1.68 15.01
C TRP A 56 10.13 -1.01 14.45
N LYS A 57 10.94 -1.76 13.72
CA LYS A 57 12.13 -1.19 13.08
C LYS A 57 11.79 -0.05 12.14
N LEU A 58 10.89 -0.29 11.18
CA LEU A 58 10.49 0.75 10.24
C LEU A 58 9.98 2.00 10.97
N ARG A 59 9.30 1.80 12.09
CA ARG A 59 8.78 2.92 12.86
C ARG A 59 9.89 3.78 13.48
N CYS A 60 10.92 3.15 14.04
CA CYS A 60 12.02 3.88 14.63
C CYS A 60 12.66 4.71 13.54
N LEU A 61 12.93 4.04 12.42
CA LEU A 61 13.54 4.71 11.30
C LEU A 61 12.70 5.92 10.89
N ALA A 62 11.42 5.67 10.61
CA ALA A 62 10.51 6.70 10.12
C ALA A 62 10.34 7.85 11.12
N GLN A 63 10.15 7.52 12.39
CA GLN A 63 9.91 8.55 13.38
C GLN A 63 11.12 9.46 13.46
N THR A 64 12.30 8.86 13.40
CA THR A 64 13.54 9.62 13.54
C THR A 64 13.70 10.63 12.42
N PHE A 65 13.64 10.19 11.17
CA PHE A 65 13.74 11.10 10.03
C PHE A 65 12.61 12.14 10.03
N ALA A 66 11.43 11.75 10.48
CA ALA A 66 10.28 12.68 10.49
C ALA A 66 10.51 13.89 11.38
N THR A 67 11.44 13.77 12.33
CA THR A 67 11.79 14.90 13.20
C THR A 67 12.44 16.04 12.42
N GLY A 68 13.06 15.72 11.30
CA GLY A 68 13.70 16.72 10.46
C GLY A 68 15.11 17.09 10.89
N GLU A 69 15.63 16.44 11.93
CA GLU A 69 16.92 16.81 12.48
C GLU A 69 18.09 16.04 11.89
N VAL A 70 17.77 14.99 11.16
CA VAL A 70 18.79 14.15 10.54
C VAL A 70 18.80 14.37 9.04
N SER A 71 19.58 15.34 8.59
CA SER A 71 19.52 15.75 7.19
C SER A 71 20.90 16.05 6.64
N GLY A 72 20.98 16.10 5.31
CA GLY A 72 22.23 16.38 4.63
C GLY A 72 22.19 15.90 3.19
N ARG A 73 23.35 15.82 2.57
CA ARG A 73 23.44 15.48 1.16
C ARG A 73 23.82 14.01 0.98
N THR A 74 24.74 13.53 1.82
CA THR A 74 25.26 12.18 1.66
C THR A 74 25.08 11.30 2.90
N LEU A 75 25.04 10.00 2.65
CA LEU A 75 24.77 9.02 3.69
C LEU A 75 25.40 7.67 3.33
N ILE A 76 25.88 6.96 4.34
CA ILE A 76 26.49 5.66 4.09
C ILE A 76 25.86 4.58 4.95
N ASP A 77 25.48 3.48 4.30
CA ASP A 77 24.89 2.36 5.01
C ASP A 77 25.98 1.34 5.23
N ILE A 78 26.28 1.05 6.50
CA ILE A 78 27.40 0.20 6.87
C ILE A 78 26.97 -1.25 7.00
N GLY A 79 27.55 -2.10 6.17
CA GLY A 79 27.25 -3.52 6.27
C GLY A 79 25.80 -3.76 5.89
N SER A 80 25.44 -3.29 4.70
CA SER A 80 24.08 -3.35 4.20
C SER A 80 23.59 -4.77 4.11
N GLY A 81 24.50 -5.69 3.86
CA GLY A 81 24.12 -7.05 3.52
C GLY A 81 23.33 -7.06 2.21
N PRO A 82 22.36 -7.99 2.10
CA PRO A 82 21.46 -8.03 0.95
C PRO A 82 20.16 -7.30 1.23
N THR A 83 20.13 -6.34 2.17
CA THR A 83 18.84 -5.74 2.53
C THR A 83 18.77 -4.25 2.27
N VAL A 84 17.54 -3.75 2.05
CA VAL A 84 17.35 -2.33 1.75
C VAL A 84 16.37 -1.61 2.67
N TYR A 85 15.65 -2.35 3.49
CA TYR A 85 14.57 -1.78 4.30
C TYR A 85 15.11 -0.66 5.17
N GLN A 86 16.39 -0.73 5.51
CA GLN A 86 16.99 0.23 6.45
C GLN A 86 17.20 1.61 5.84
N LEU A 87 16.94 1.73 4.54
CA LEU A 87 17.10 3.02 3.85
C LEU A 87 15.77 3.62 3.34
N LEU A 88 14.66 2.89 3.50
CA LEU A 88 13.38 3.31 2.93
C LEU A 88 12.94 4.72 3.37
N SER A 89 12.96 4.97 4.68
CA SER A 89 12.63 6.30 5.18
C SER A 89 13.81 7.26 5.02
N ALA A 90 15.02 6.70 4.90
CA ALA A 90 16.21 7.55 4.78
C ALA A 90 16.33 8.20 3.41
N CYS A 91 15.98 7.47 2.36
CA CYS A 91 16.28 7.92 0.99
C CYS A 91 15.67 9.27 0.63
N SER A 92 14.63 9.69 1.33
CA SER A 92 14.02 10.97 0.98
C SER A 92 14.68 12.18 1.68
N HIS A 93 15.79 11.95 2.37
CA HIS A 93 16.51 13.01 3.09
C HIS A 93 17.96 13.16 2.67
N PHE A 94 18.39 12.31 1.73
CA PHE A 94 19.79 12.28 1.28
C PHE A 94 19.89 11.91 -0.19
N GLU A 95 20.43 12.83 -0.99
CA GLU A 95 20.47 12.64 -2.43
C GLU A 95 21.60 11.71 -2.87
N ASP A 96 22.62 11.55 -2.03
CA ASP A 96 23.73 10.68 -2.36
C ASP A 96 23.88 9.60 -1.28
N ILE A 97 23.52 8.37 -1.64
CA ILE A 97 23.54 7.29 -0.69
C ILE A 97 24.50 6.23 -1.18
N THR A 98 25.38 5.81 -0.27
CA THR A 98 26.36 4.76 -0.53
C THR A 98 26.00 3.57 0.33
N MET A 99 25.86 2.41 -0.30
CA MET A 99 25.64 1.17 0.43
C MET A 99 26.92 0.36 0.45
N THR A 100 27.11 -0.44 1.50
CA THR A 100 28.33 -1.22 1.62
C THR A 100 28.08 -2.66 2.06
N ASP A 101 29.05 -3.54 1.76
CA ASP A 101 29.16 -4.80 2.49
C ASP A 101 30.48 -5.49 2.27
N PHE A 102 30.84 -6.34 3.23
CA PHE A 102 32.10 -7.04 3.20
C PHE A 102 32.09 -8.13 2.13
N LEU A 103 30.94 -8.77 1.93
CA LEU A 103 30.86 -9.90 1.00
C LEU A 103 30.47 -9.47 -0.39
N GLU A 104 31.16 -10.03 -1.38
CA GLU A 104 30.81 -9.80 -2.78
C GLU A 104 29.39 -10.30 -3.08
N VAL A 105 29.05 -11.47 -2.51
CA VAL A 105 27.76 -12.11 -2.77
C VAL A 105 26.56 -11.24 -2.37
N ASN A 106 26.73 -10.46 -1.32
CA ASN A 106 25.69 -9.52 -0.89
C ASN A 106 25.63 -8.30 -1.77
N ARG A 107 26.78 -7.79 -2.19
CA ARG A 107 26.80 -6.64 -3.07
C ARG A 107 26.16 -7.01 -4.40
N GLN A 108 26.35 -8.26 -4.81
CA GLN A 108 25.72 -8.75 -6.04
C GLN A 108 24.23 -8.82 -5.84
N GLU A 109 23.82 -9.27 -4.65
CA GLU A 109 22.39 -9.44 -4.37
C GLU A 109 21.67 -8.09 -4.27
N LEU A 110 22.29 -7.10 -3.63
CA LEU A 110 21.76 -5.73 -3.67
C LEU A 110 21.56 -5.21 -5.10
N GLY A 111 22.55 -5.45 -5.97
CA GLY A 111 22.52 -4.95 -7.32
C GLY A 111 21.33 -5.53 -8.06
N ARG A 112 21.06 -6.81 -7.81
CA ARG A 112 19.90 -7.45 -8.40
C ARG A 112 18.60 -6.68 -8.10
N TRP A 113 18.51 -6.09 -6.91
CA TRP A 113 17.34 -5.29 -6.58
C TRP A 113 17.46 -3.89 -7.12
N LEU A 114 18.65 -3.31 -6.99
CA LEU A 114 18.88 -1.95 -7.49
C LEU A 114 18.60 -1.82 -9.01
N GLN A 115 19.04 -2.79 -9.79
CA GLN A 115 18.89 -2.76 -11.23
C GLN A 115 17.65 -3.53 -11.67
N GLU A 116 16.83 -3.92 -10.70
CA GLU A 116 15.60 -4.67 -10.97
C GLU A 116 15.88 -5.87 -11.88
N GLU A 117 17.02 -6.52 -11.64
CA GLU A 117 17.40 -7.69 -12.41
C GLU A 117 16.55 -8.90 -12.02
N PRO A 118 16.70 -10.01 -12.75
CA PRO A 118 15.95 -11.23 -12.43
C PRO A 118 16.35 -11.85 -11.10
N GLY A 119 15.35 -12.35 -10.38
CA GLY A 119 15.59 -13.04 -9.12
C GLY A 119 15.79 -12.12 -7.93
N ALA A 120 15.52 -10.83 -8.09
CA ALA A 120 15.73 -9.90 -7.00
C ALA A 120 14.82 -10.27 -5.83
N PHE A 121 15.21 -9.86 -4.63
CA PHE A 121 14.38 -10.13 -3.47
C PHE A 121 13.22 -9.14 -3.49
N ASN A 122 12.07 -9.57 -3.00
CA ASN A 122 10.90 -8.70 -3.02
C ASN A 122 10.74 -7.91 -1.73
N TRP A 123 11.11 -6.63 -1.80
CA TRP A 123 11.02 -5.74 -0.65
C TRP A 123 9.70 -4.98 -0.55
N SER A 124 8.80 -5.22 -1.51
CA SER A 124 7.64 -4.35 -1.69
C SER A 124 6.73 -4.26 -0.47
N MET A 125 6.66 -5.32 0.32
CA MET A 125 5.91 -5.24 1.58
C MET A 125 6.53 -4.18 2.51
N TYR A 126 7.86 -4.08 2.52
CA TYR A 126 8.55 -3.15 3.38
C TYR A 126 8.38 -1.71 2.88
N SER A 127 8.54 -1.54 1.58
CA SER A 127 8.25 -0.26 0.92
C SER A 127 6.85 0.23 1.29
N GLN A 128 5.86 -0.62 1.02
CA GLN A 128 4.47 -0.32 1.31
C GLN A 128 4.32 0.10 2.75
N HIS A 129 4.91 -0.65 3.68
CA HIS A 129 4.73 -0.32 5.09
C HIS A 129 5.41 0.98 5.49
N ALA A 130 6.55 1.27 4.87
CA ALA A 130 7.25 2.53 5.11
C ALA A 130 6.36 3.69 4.65
N CYS A 131 5.76 3.53 3.48
CA CYS A 131 4.82 4.52 2.97
C CYS A 131 3.63 4.68 3.93
N LEU A 132 3.09 3.55 4.36
CA LEU A 132 2.00 3.52 5.35
C LEU A 132 2.36 4.32 6.58
N ILE A 133 3.49 3.96 7.19
CA ILE A 133 3.98 4.58 8.41
C ILE A 133 4.27 6.07 8.22
N GLU A 134 5.06 6.40 7.22
CA GLU A 134 5.41 7.80 6.96
C GLU A 134 4.18 8.70 6.80
N GLY A 135 3.13 8.18 6.18
CA GLY A 135 1.87 8.90 6.12
C GLY A 135 1.88 10.17 5.28
N LYS A 136 2.53 10.09 4.12
CA LYS A 136 2.57 11.22 3.21
C LYS A 136 1.80 10.90 1.94
N GLY A 137 0.99 9.84 2.01
CA GLY A 137 0.26 9.37 0.85
C GLY A 137 1.13 9.01 -0.35
N GLU A 138 2.36 8.58 -0.12
CA GLU A 138 3.25 8.17 -1.22
C GLU A 138 2.98 6.71 -1.65
N CYS A 139 3.05 6.43 -2.94
CA CYS A 139 2.93 5.05 -3.39
C CYS A 139 4.28 4.35 -3.29
N TRP A 140 4.22 3.05 -2.99
CA TRP A 140 5.42 2.29 -2.77
C TRP A 140 6.36 2.26 -3.98
N GLN A 141 5.80 2.33 -5.19
CA GLN A 141 6.64 2.32 -6.38
C GLN A 141 7.51 3.57 -6.44
N ASP A 142 6.96 4.69 -5.99
CA ASP A 142 7.70 5.93 -5.98
C ASP A 142 8.84 5.86 -4.95
N LYS A 143 8.57 5.21 -3.83
CA LYS A 143 9.55 5.08 -2.76
C LYS A 143 10.74 4.27 -3.26
N GLU A 144 10.46 3.11 -3.85
CA GLU A 144 11.53 2.25 -4.36
C GLU A 144 12.29 2.92 -5.49
N ARG A 145 11.56 3.70 -6.29
CA ARG A 145 12.14 4.45 -7.41
C ARG A 145 13.17 5.46 -6.89
N GLN A 146 12.78 6.21 -5.85
CA GLN A 146 13.67 7.18 -5.20
C GLN A 146 14.89 6.51 -4.58
N LEU A 147 14.68 5.42 -3.84
CA LEU A 147 15.81 4.71 -3.25
C LEU A 147 16.79 4.31 -4.35
N ARG A 148 16.29 3.55 -5.33
CA ARG A 148 17.12 3.04 -6.42
C ARG A 148 17.89 4.15 -7.12
N ALA A 149 17.33 5.35 -7.12
CA ALA A 149 17.90 6.48 -7.84
C ALA A 149 18.98 7.17 -7.02
N ARG A 150 18.83 7.13 -5.70
CA ARG A 150 19.71 7.86 -4.79
C ARG A 150 20.90 7.03 -4.29
N VAL A 151 20.79 5.71 -4.36
CA VAL A 151 21.93 4.85 -4.11
C VAL A 151 22.86 4.95 -5.32
N LYS A 152 24.00 5.60 -5.13
CA LYS A 152 24.92 5.85 -6.23
C LYS A 152 25.90 4.70 -6.42
N ARG A 153 26.26 4.04 -5.32
CA ARG A 153 27.30 3.03 -5.35
C ARG A 153 27.13 1.98 -4.26
N VAL A 154 27.61 0.77 -4.55
CA VAL A 154 27.65 -0.33 -3.59
C VAL A 154 29.12 -0.74 -3.42
N LEU A 155 29.70 -0.37 -2.28
CA LEU A 155 31.14 -0.53 -2.04
C LEU A 155 31.48 -1.61 -1.01
N PRO A 156 32.60 -2.29 -1.23
CA PRO A 156 33.16 -3.22 -0.24
C PRO A 156 33.64 -2.46 0.98
N ILE A 157 33.56 -3.10 2.14
CA ILE A 157 33.92 -2.43 3.38
C ILE A 157 34.35 -3.48 4.41
N ASP A 158 35.26 -3.10 5.31
CA ASP A 158 35.66 -3.91 6.47
C ASP A 158 35.77 -3.03 7.71
N VAL A 159 34.84 -3.18 8.64
CA VAL A 159 34.81 -2.30 9.81
C VAL A 159 36.00 -2.53 10.75
N HIS A 160 36.71 -3.64 10.54
CA HIS A 160 37.89 -3.96 11.34
C HIS A 160 39.07 -3.07 10.96
N GLN A 161 38.97 -2.44 9.78
CA GLN A 161 40.01 -1.54 9.31
C GLN A 161 39.76 -0.13 9.83
N PRO A 162 40.82 0.53 10.32
CA PRO A 162 40.75 1.89 10.84
C PRO A 162 40.29 2.85 9.75
N GLN A 163 40.48 2.48 8.49
CA GLN A 163 39.81 3.12 7.37
C GLN A 163 38.95 2.08 6.66
N PRO A 164 37.70 1.90 7.12
CA PRO A 164 36.88 0.76 6.70
C PRO A 164 36.61 0.72 5.20
N LEU A 165 36.47 1.89 4.59
CA LEU A 165 36.21 1.98 3.15
C LEU A 165 37.49 1.92 2.34
N GLY A 166 38.63 2.17 3.00
CA GLY A 166 39.90 2.14 2.32
C GLY A 166 40.45 3.53 2.05
N ALA A 167 41.41 3.60 1.14
CA ALA A 167 42.13 4.85 0.87
C ALA A 167 41.36 5.78 -0.05
N GLY A 168 41.31 5.44 -1.33
CA GLY A 168 40.69 6.30 -2.33
C GLY A 168 39.30 5.84 -2.67
N SER A 169 38.41 5.86 -1.68
CA SER A 169 37.03 5.43 -1.87
C SER A 169 36.24 6.47 -2.63
N PRO A 170 35.43 6.01 -3.59
CA PRO A 170 34.53 6.85 -4.40
C PRO A 170 33.50 7.56 -3.52
N ALA A 171 33.29 7.04 -2.32
CA ALA A 171 32.30 7.59 -1.40
C ALA A 171 32.67 9.00 -0.94
N PRO A 172 31.71 9.93 -1.03
CA PRO A 172 31.97 11.29 -0.53
C PRO A 172 32.24 11.23 0.95
N LEU A 173 33.37 11.73 1.40
CA LEU A 173 33.67 11.75 2.82
C LEU A 173 34.02 13.16 3.26
N PRO A 174 33.65 13.51 4.51
CA PRO A 174 32.92 12.65 5.43
C PRO A 174 31.42 12.66 5.14
N ALA A 175 30.73 11.59 5.51
CA ALA A 175 29.29 11.49 5.31
C ALA A 175 28.55 12.38 6.31
N ASP A 176 27.38 12.89 5.90
CA ASP A 176 26.55 13.71 6.78
C ASP A 176 25.84 12.84 7.82
N ALA A 177 25.77 11.54 7.55
CA ALA A 177 25.07 10.61 8.42
C ALA A 177 25.41 9.15 8.08
N LEU A 178 25.24 8.27 9.05
CA LEU A 178 25.49 6.84 8.85
C LEU A 178 24.28 6.00 9.28
N VAL A 179 24.11 4.86 8.64
CA VAL A 179 23.15 3.85 9.10
C VAL A 179 23.84 2.47 9.17
N SER A 180 23.54 1.69 10.21
CA SER A 180 24.02 0.32 10.26
C SER A 180 23.09 -0.54 11.07
N ALA A 181 22.67 -1.64 10.45
CA ALA A 181 21.79 -2.57 11.12
C ALA A 181 22.36 -3.99 11.16
N PHE A 182 22.42 -4.55 12.37
CA PHE A 182 22.82 -5.94 12.54
C PHE A 182 24.23 -6.29 12.05
N CYS A 183 25.13 -5.32 12.08
CA CYS A 183 26.48 -5.54 11.61
C CYS A 183 27.51 -5.71 12.75
N LEU A 184 27.84 -4.62 13.43
CA LEU A 184 28.94 -4.62 14.40
C LEU A 184 28.91 -5.82 15.35
N GLU A 185 27.82 -5.94 16.11
CA GLU A 185 27.69 -7.02 17.07
C GLU A 185 27.83 -8.38 16.37
N ALA A 186 27.59 -8.41 15.07
CA ALA A 186 27.63 -9.64 14.30
C ALA A 186 29.00 -9.92 13.66
N VAL A 187 29.93 -8.98 13.73
CA VAL A 187 31.27 -9.21 13.17
C VAL A 187 32.33 -9.03 14.25
N SER A 188 31.87 -8.98 15.50
CA SER A 188 32.70 -8.68 16.64
C SER A 188 32.65 -9.84 17.63
N PRO A 189 33.80 -10.48 17.87
CA PRO A 189 33.95 -11.62 18.79
C PRO A 189 33.64 -11.23 20.24
N ASP A 190 33.75 -9.94 20.55
CA ASP A 190 33.58 -9.53 21.94
C ASP A 190 33.35 -8.04 22.07
N LEU A 191 33.12 -7.60 23.30
CA LEU A 191 32.74 -6.22 23.56
C LEU A 191 33.76 -5.21 23.05
N ALA A 192 35.04 -5.55 23.17
CA ALA A 192 36.10 -4.60 22.86
C ALA A 192 36.24 -4.41 21.38
N SER A 193 36.15 -5.50 20.61
CA SER A 193 36.23 -5.35 19.16
C SER A 193 35.02 -4.56 18.70
N PHE A 194 33.88 -4.80 19.34
CA PHE A 194 32.64 -4.10 19.00
C PHE A 194 32.92 -2.61 19.10
N GLN A 195 33.53 -2.22 20.23
CA GLN A 195 33.87 -0.82 20.50
C GLN A 195 34.81 -0.25 19.44
N ARG A 196 35.82 -1.02 19.06
CA ARG A 196 36.76 -0.53 18.05
C ARG A 196 36.09 -0.34 16.70
N ALA A 197 35.37 -1.38 16.26
CA ALA A 197 34.59 -1.29 15.02
C ALA A 197 33.71 -0.05 14.99
N LEU A 198 33.11 0.29 16.12
CA LEU A 198 32.31 1.52 16.22
C LEU A 198 33.19 2.76 16.02
N ASP A 199 34.37 2.75 16.62
CA ASP A 199 35.28 3.87 16.47
C ASP A 199 35.71 3.99 15.03
N HIS A 200 35.88 2.86 14.37
CA HIS A 200 36.33 2.87 12.99
C HIS A 200 35.32 3.56 12.08
N ILE A 201 34.08 3.09 12.11
CA ILE A 201 33.06 3.67 11.26
C ILE A 201 32.81 5.11 11.67
N THR A 202 32.98 5.41 12.95
CA THR A 202 32.75 6.78 13.41
C THR A 202 33.61 7.79 12.67
N THR A 203 34.82 7.39 12.26
CA THR A 203 35.71 8.27 11.50
C THR A 203 35.10 8.70 10.16
N LEU A 204 34.17 7.88 9.64
CA LEU A 204 33.51 8.16 8.37
C LEU A 204 32.48 9.28 8.47
N LEU A 205 32.12 9.63 9.70
CA LEU A 205 31.02 10.55 9.97
C LEU A 205 31.52 11.95 10.30
N ARG A 206 31.03 12.93 9.54
CA ARG A 206 31.32 14.34 9.80
C ARG A 206 30.86 14.72 11.19
N PRO A 207 31.64 15.55 11.90
CA PRO A 207 31.24 16.02 13.22
C PRO A 207 29.90 16.72 13.16
N GLY A 208 29.05 16.46 14.14
CA GLY A 208 27.69 16.99 14.12
C GLY A 208 26.78 16.02 13.39
N GLY A 209 27.37 15.09 12.65
CA GLY A 209 26.62 14.12 11.87
C GLY A 209 25.73 13.21 12.70
N HIS A 210 24.93 12.39 12.04
CA HIS A 210 24.02 11.50 12.76
C HIS A 210 24.26 10.03 12.44
N LEU A 211 24.16 9.19 13.46
CA LEU A 211 24.24 7.74 13.28
C LEU A 211 22.96 7.04 13.74
N LEU A 212 22.44 6.19 12.88
CA LEU A 212 21.25 5.40 13.22
C LEU A 212 21.67 3.95 13.24
N LEU A 213 21.62 3.36 14.41
CA LEU A 213 22.22 2.06 14.60
C LEU A 213 21.19 1.10 15.18
N ILE A 214 21.03 -0.04 14.51
CA ILE A 214 20.09 -1.07 14.91
C ILE A 214 20.84 -2.38 15.10
N GLY A 215 20.44 -3.17 16.09
CA GLY A 215 21.16 -4.41 16.30
C GLY A 215 20.47 -5.41 17.18
N ALA A 216 21.06 -6.60 17.26
CA ALA A 216 20.52 -7.66 18.11
C ALA A 216 21.00 -7.52 19.56
N LEU A 217 20.09 -7.78 20.50
CA LEU A 217 20.43 -7.71 21.91
C LEU A 217 20.61 -9.10 22.49
N GLU A 218 21.69 -9.27 23.26
CA GLU A 218 21.96 -10.51 23.95
C GLU A 218 21.92 -11.71 23.01
N GLU A 219 22.43 -11.52 21.81
CA GLU A 219 22.47 -12.60 20.82
C GLU A 219 23.88 -13.20 20.80
N SER A 220 24.00 -14.50 20.59
CA SER A 220 25.33 -15.10 20.52
C SER A 220 25.63 -15.82 19.21
N TRP A 221 24.59 -16.15 18.46
CA TRP A 221 24.76 -16.79 17.15
C TRP A 221 23.55 -16.61 16.23
N TYR A 222 23.79 -16.74 14.94
CA TYR A 222 22.72 -16.81 13.97
C TYR A 222 23.21 -17.57 12.74
N LEU A 223 22.29 -18.18 12.02
CA LEU A 223 22.60 -19.00 10.86
C LEU A 223 22.28 -18.27 9.57
N ALA A 224 22.98 -18.66 8.51
CA ALA A 224 22.76 -18.13 7.19
C ALA A 224 23.10 -19.22 6.19
N GLY A 225 22.28 -20.28 6.18
CA GLY A 225 22.52 -21.42 5.32
C GLY A 225 23.52 -22.37 5.97
N GLU A 226 24.65 -22.58 5.30
CA GLU A 226 25.71 -23.46 5.82
C GLU A 226 26.55 -22.69 6.83
N ALA A 227 26.59 -21.37 6.70
CA ALA A 227 27.31 -20.56 7.65
C ALA A 227 26.60 -20.51 8.98
N ARG A 228 27.40 -20.50 10.04
CA ARG A 228 26.96 -20.37 11.41
C ARG A 228 27.83 -19.29 12.06
N LEU A 229 27.29 -18.08 12.18
CA LEU A 229 28.08 -16.94 12.62
C LEU A 229 27.99 -16.74 14.11
N THR A 230 29.11 -16.36 14.71
CA THR A 230 29.18 -16.05 16.13
C THR A 230 28.80 -14.60 16.31
N VAL A 231 28.16 -14.29 17.44
CA VAL A 231 27.78 -12.90 17.71
C VAL A 231 28.19 -12.56 19.13
N VAL A 232 28.57 -11.31 19.37
CA VAL A 232 28.78 -10.84 20.73
C VAL A 232 27.47 -10.38 21.36
N PRO A 233 27.08 -11.02 22.46
CA PRO A 233 25.90 -10.62 23.24
C PRO A 233 26.10 -9.24 23.90
N VAL A 234 25.30 -8.26 23.48
CA VAL A 234 25.38 -6.94 24.08
C VAL A 234 24.05 -6.54 24.67
N SER A 235 24.08 -5.63 25.65
CA SER A 235 22.87 -5.16 26.29
C SER A 235 22.65 -3.73 25.89
N GLU A 236 21.48 -3.19 26.25
CA GLU A 236 21.17 -1.80 25.95
C GLU A 236 22.17 -0.82 26.59
N GLU A 237 22.54 -1.04 27.84
CA GLU A 237 23.50 -0.16 28.53
C GLU A 237 24.88 -0.27 27.91
N GLU A 238 25.24 -1.48 27.49
CA GLU A 238 26.53 -1.69 26.86
C GLU A 238 26.61 -0.93 25.54
N VAL A 239 25.47 -0.89 24.83
CA VAL A 239 25.37 -0.18 23.56
C VAL A 239 25.51 1.32 23.81
N ARG A 240 24.78 1.83 24.79
CA ARG A 240 24.89 3.24 25.13
C ARG A 240 26.34 3.62 25.46
N GLU A 241 26.91 2.92 26.45
CA GLU A 241 28.27 3.23 26.90
C GLU A 241 29.22 3.28 25.71
N ALA A 242 29.11 2.26 24.85
CA ALA A 242 29.94 2.20 23.64
C ALA A 242 29.80 3.46 22.79
N LEU A 243 28.56 3.92 22.61
CA LEU A 243 28.31 5.12 21.82
C LEU A 243 28.95 6.35 22.47
N VAL A 244 28.76 6.51 23.77
CA VAL A 244 29.34 7.62 24.51
C VAL A 244 30.85 7.60 24.32
N ARG A 245 31.44 6.43 24.56
CA ARG A 245 32.86 6.23 24.40
C ARG A 245 33.37 6.70 23.04
N SER A 246 32.60 6.44 22.00
CA SER A 246 33.02 6.76 20.65
C SER A 246 32.86 8.23 20.32
N GLY A 247 32.28 8.99 21.24
CA GLY A 247 32.13 10.42 21.07
C GLY A 247 30.75 10.87 20.61
N TYR A 248 29.73 10.05 20.87
CA TYR A 248 28.37 10.38 20.44
C TYR A 248 27.50 10.92 21.57
N LYS A 249 26.63 11.86 21.27
CA LYS A 249 25.52 12.16 22.19
C LYS A 249 24.37 11.24 21.81
N VAL A 250 23.84 10.50 22.78
CA VAL A 250 22.74 9.60 22.50
C VAL A 250 21.40 10.33 22.52
N ARG A 251 20.82 10.52 21.35
CA ARG A 251 19.57 11.25 21.24
C ARG A 251 18.40 10.35 21.62
N ASP A 252 18.51 9.08 21.27
CA ASP A 252 17.44 8.15 21.49
C ASP A 252 17.99 6.74 21.47
N LEU A 253 17.41 5.88 22.30
CA LEU A 253 17.81 4.50 22.41
C LEU A 253 16.64 3.67 22.95
N ARG A 254 16.10 2.80 22.10
CA ARG A 254 14.87 2.05 22.39
C ARG A 254 15.10 0.55 22.22
N THR A 255 14.28 -0.25 22.90
CA THR A 255 14.43 -1.69 22.82
C THR A 255 13.13 -2.42 22.47
N TYR A 256 13.27 -3.43 21.63
CA TYR A 256 12.16 -4.29 21.26
C TYR A 256 12.47 -5.66 21.82
N ILE A 257 11.62 -6.14 22.72
CA ILE A 257 11.75 -7.50 23.23
C ILE A 257 11.14 -8.54 22.28
N MET A 258 11.86 -9.62 22.00
CA MET A 258 11.50 -10.56 20.97
C MET A 258 10.37 -11.50 21.45
N PRO A 259 9.16 -11.35 20.89
CA PRO A 259 8.06 -12.22 21.34
C PRO A 259 8.40 -13.68 21.06
N ALA A 260 7.81 -14.61 21.81
CA ALA A 260 8.07 -16.02 21.59
C ALA A 260 7.89 -16.46 20.12
N HIS A 261 6.77 -16.10 19.50
CA HIS A 261 6.49 -16.59 18.13
C HIS A 261 7.50 -16.09 17.10
N LEU A 262 8.31 -15.10 17.45
CA LEU A 262 9.34 -14.67 16.50
C LEU A 262 10.73 -15.26 16.81
N GLN A 263 10.78 -16.13 17.82
CA GLN A 263 11.97 -16.88 18.18
C GLN A 263 11.99 -18.17 17.40
N THR A 264 12.70 -18.23 16.29
CA THR A 264 12.50 -19.33 15.35
C THR A 264 13.56 -20.41 15.21
N GLY A 265 14.67 -20.31 15.91
CA GLY A 265 15.70 -21.31 15.68
C GLY A 265 16.69 -20.96 14.59
N VAL A 266 16.57 -19.78 13.99
CA VAL A 266 17.62 -19.27 13.13
C VAL A 266 18.66 -18.46 13.91
N ASP A 267 18.39 -18.22 15.19
CA ASP A 267 19.33 -17.52 16.04
C ASP A 267 18.85 -17.61 17.46
N ASP A 268 19.44 -16.81 18.35
CA ASP A 268 19.01 -16.78 19.74
C ASP A 268 18.86 -15.33 20.23
N VAL A 269 18.64 -14.42 19.32
CA VAL A 269 18.46 -13.01 19.65
C VAL A 269 17.35 -12.86 20.70
N LYS A 270 17.58 -12.01 21.70
CA LYS A 270 16.57 -11.82 22.75
C LYS A 270 15.76 -10.54 22.55
N GLY A 271 16.32 -9.59 21.81
CA GLY A 271 15.71 -8.29 21.64
C GLY A 271 16.42 -7.56 20.51
N VAL A 272 15.88 -6.42 20.09
CA VAL A 272 16.49 -5.60 19.05
C VAL A 272 16.59 -4.18 19.60
N PHE A 273 17.68 -3.48 19.34
CA PHE A 273 17.81 -2.12 19.86
C PHE A 273 17.84 -1.16 18.69
N PHE A 274 17.40 0.08 18.96
CA PHE A 274 17.53 1.15 17.98
C PHE A 274 18.20 2.33 18.65
N ALA A 275 19.25 2.85 18.03
CA ALA A 275 19.93 4.02 18.59
C ALA A 275 20.06 5.16 17.59
N TRP A 276 19.76 6.36 18.06
CA TRP A 276 19.97 7.58 17.30
C TRP A 276 21.05 8.35 18.04
N ALA A 277 22.21 8.44 17.41
CA ALA A 277 23.35 9.07 18.05
C ALA A 277 23.86 10.21 17.19
N GLN A 278 24.37 11.25 17.85
CA GLN A 278 24.93 12.39 17.13
C GLN A 278 26.39 12.59 17.51
N LYS A 279 27.27 12.59 16.50
CA LYS A 279 28.68 12.83 16.71
C LYS A 279 28.88 14.24 17.25
N VAL A 280 29.53 14.34 18.40
CA VAL A 280 29.79 15.64 19.02
C VAL A 280 31.25 15.76 19.44
N PRO B 14 -43.63 7.84 -22.38
CA PRO B 14 -43.61 6.92 -23.51
C PRO B 14 -43.31 5.47 -23.12
N ASP B 15 -42.53 4.79 -23.95
CA ASP B 15 -42.27 3.37 -23.78
C ASP B 15 -40.84 3.10 -23.32
N SER B 16 -40.69 2.41 -22.20
CA SER B 16 -39.36 2.14 -21.66
C SER B 16 -38.73 0.88 -22.26
N ALA B 17 -39.57 -0.07 -22.65
CA ALA B 17 -39.12 -1.40 -23.09
C ALA B 17 -38.13 -1.42 -24.26
N PRO B 18 -38.38 -0.61 -25.31
CA PRO B 18 -37.43 -0.59 -26.43
C PRO B 18 -36.01 -0.18 -26.01
N GLY B 19 -35.86 0.94 -25.32
CA GLY B 19 -34.54 1.38 -24.87
C GLY B 19 -33.86 0.34 -24.00
N GLN B 20 -34.58 -0.16 -23.00
CA GLN B 20 -34.03 -1.16 -22.11
C GLN B 20 -33.55 -2.38 -22.89
N ALA B 21 -34.23 -2.70 -23.99
CA ALA B 21 -33.91 -3.91 -24.76
C ALA B 21 -32.62 -3.73 -25.54
N ALA B 22 -32.44 -2.50 -26.06
CA ALA B 22 -31.20 -2.08 -26.71
C ALA B 22 -30.04 -2.29 -25.74
N VAL B 23 -30.24 -1.79 -24.52
CA VAL B 23 -29.24 -1.87 -23.46
C VAL B 23 -28.85 -3.31 -23.15
N ALA B 24 -29.82 -4.14 -22.77
CA ALA B 24 -29.58 -5.56 -22.50
C ALA B 24 -28.84 -6.23 -23.67
N SER B 25 -29.31 -5.93 -24.88
CA SER B 25 -28.69 -6.44 -26.09
C SER B 25 -27.22 -6.06 -26.15
N ALA B 26 -26.94 -4.77 -26.00
CA ALA B 26 -25.57 -4.28 -26.16
C ALA B 26 -24.61 -4.93 -25.15
N TYR B 27 -25.11 -5.17 -23.94
CA TYR B 27 -24.28 -5.69 -22.87
C TYR B 27 -23.92 -7.17 -23.03
N GLN B 28 -24.55 -7.84 -23.99
CA GLN B 28 -24.22 -9.24 -24.24
C GLN B 28 -22.82 -9.35 -24.83
N ARG B 29 -22.27 -8.23 -25.28
CA ARG B 29 -20.93 -8.22 -25.83
C ARG B 29 -19.89 -7.70 -24.84
N PHE B 30 -20.37 -7.22 -23.69
CA PHE B 30 -19.51 -6.69 -22.63
C PHE B 30 -18.48 -7.74 -22.22
N GLU B 31 -17.19 -7.41 -22.40
CA GLU B 31 -16.06 -8.26 -21.96
C GLU B 31 -15.41 -7.70 -20.68
N PRO B 32 -15.61 -8.38 -19.54
CA PRO B 32 -15.10 -7.89 -18.25
C PRO B 32 -13.61 -7.57 -18.28
N ARG B 33 -12.82 -8.48 -18.85
CA ARG B 33 -11.37 -8.29 -18.90
C ARG B 33 -10.94 -7.01 -19.61
N ALA B 34 -11.57 -6.74 -20.75
CA ALA B 34 -11.21 -5.57 -21.53
C ALA B 34 -11.62 -4.33 -20.75
N TYR B 35 -12.76 -4.43 -20.09
CA TYR B 35 -13.26 -3.33 -19.28
C TYR B 35 -12.31 -3.02 -18.11
N LEU B 36 -11.85 -4.06 -17.43
CA LEU B 36 -10.91 -3.90 -16.33
C LEU B 36 -9.61 -3.27 -16.79
N ARG B 37 -9.08 -3.79 -17.89
CA ARG B 37 -7.88 -3.25 -18.48
C ARG B 37 -8.06 -1.77 -18.86
N ASN B 38 -9.20 -1.45 -19.47
CA ASN B 38 -9.42 -0.11 -19.99
C ASN B 38 -9.52 0.94 -18.90
N ASN B 39 -10.00 0.52 -17.74
CA ASN B 39 -10.35 1.48 -16.68
C ASN B 39 -9.57 1.35 -15.38
N TYR B 40 -9.06 0.15 -15.09
CA TYR B 40 -8.40 -0.07 -13.81
C TYR B 40 -6.95 -0.56 -13.91
N ALA B 41 -6.41 -0.64 -15.13
CA ALA B 41 -4.97 -0.81 -15.33
C ALA B 41 -4.45 0.57 -15.70
N PRO B 42 -3.12 0.76 -15.69
CA PRO B 42 -2.63 2.09 -16.05
C PRO B 42 -2.99 2.42 -17.48
N PRO B 43 -3.06 3.70 -17.84
CA PRO B 43 -2.77 4.92 -17.07
C PRO B 43 -3.83 5.22 -16.00
N ARG B 44 -5.10 4.87 -16.26
CA ARG B 44 -6.15 5.18 -15.30
C ARG B 44 -5.98 4.44 -13.97
N GLY B 45 -5.39 3.25 -14.02
CA GLY B 45 -5.20 2.46 -12.83
C GLY B 45 -3.91 2.79 -12.09
N ASP B 46 -3.24 3.83 -12.53
CA ASP B 46 -2.01 4.25 -11.87
C ASP B 46 -2.39 5.07 -10.66
N LEU B 47 -2.11 4.52 -9.48
CA LEU B 47 -2.49 5.18 -8.25
C LEU B 47 -1.41 6.08 -7.65
N CYS B 48 -0.29 6.21 -8.34
CA CYS B 48 0.84 6.96 -7.79
C CYS B 48 0.64 8.47 -7.87
N ASN B 49 0.07 8.91 -9.00
CA ASN B 49 -0.26 10.31 -9.16
C ASN B 49 -1.52 10.67 -8.39
N PRO B 50 -1.38 11.56 -7.41
CA PRO B 50 -2.50 11.93 -6.54
C PRO B 50 -3.54 12.75 -7.29
N ASN B 51 -3.18 13.25 -8.47
CA ASN B 51 -4.08 14.03 -9.30
C ASN B 51 -4.92 13.16 -10.22
N GLY B 52 -4.72 11.86 -10.12
CA GLY B 52 -5.37 10.91 -11.01
C GLY B 52 -6.77 10.58 -10.52
N VAL B 53 -7.53 9.95 -11.39
CA VAL B 53 -8.93 9.66 -11.13
C VAL B 53 -9.06 8.57 -10.08
N GLY B 54 -8.25 7.53 -10.20
CA GLY B 54 -8.22 6.45 -9.20
C GLY B 54 -8.13 6.96 -7.76
N PRO B 55 -7.11 7.75 -7.47
CA PRO B 55 -6.95 8.24 -6.09
C PRO B 55 -8.04 9.24 -5.69
N TRP B 56 -8.53 10.04 -6.63
CA TRP B 56 -9.66 10.92 -6.33
C TRP B 56 -10.89 10.13 -5.86
N LYS B 57 -11.29 9.10 -6.61
CA LYS B 57 -12.42 8.24 -6.18
C LYS B 57 -12.22 7.64 -4.77
N LEU B 58 -11.10 6.92 -4.58
CA LEU B 58 -10.77 6.30 -3.27
C LEU B 58 -10.78 7.34 -2.16
N ARG B 59 -10.25 8.51 -2.47
CA ARG B 59 -10.27 9.59 -1.50
C ARG B 59 -11.71 10.01 -1.13
N CYS B 60 -12.61 10.10 -2.13
CA CYS B 60 -14.00 10.50 -1.83
C CYS B 60 -14.68 9.47 -0.93
N LEU B 61 -14.49 8.21 -1.26
CA LEU B 61 -15.13 7.18 -0.49
C LEU B 61 -14.53 7.17 0.93
N ALA B 62 -13.21 7.21 1.03
CA ALA B 62 -12.54 7.17 2.35
C ALA B 62 -12.98 8.34 3.21
N GLN B 63 -12.91 9.55 2.67
CA GLN B 63 -13.27 10.72 3.47
C GLN B 63 -14.70 10.63 3.96
N THR B 64 -15.56 9.98 3.19
CA THR B 64 -16.97 9.95 3.54
C THR B 64 -17.22 8.98 4.69
N PHE B 65 -16.66 7.79 4.58
CA PHE B 65 -16.78 6.83 5.66
C PHE B 65 -16.06 7.31 6.91
N ALA B 66 -15.08 8.19 6.73
CA ALA B 66 -14.28 8.68 7.85
C ALA B 66 -15.04 9.70 8.70
N THR B 67 -16.17 10.19 8.19
CA THR B 67 -17.01 11.06 8.99
C THR B 67 -17.72 10.24 10.08
N GLY B 68 -17.75 8.91 9.90
CA GLY B 68 -18.49 8.02 10.79
C GLY B 68 -20.01 8.12 10.61
N GLU B 69 -20.46 9.03 9.75
CA GLU B 69 -21.89 9.21 9.55
C GLU B 69 -22.58 8.16 8.69
N VAL B 70 -21.81 7.39 7.94
CA VAL B 70 -22.37 6.34 7.11
C VAL B 70 -22.04 4.96 7.68
N SER B 71 -22.99 4.36 8.39
CA SER B 71 -22.76 3.02 8.95
C SER B 71 -24.06 2.25 9.18
N GLY B 72 -23.92 0.97 9.53
CA GLY B 72 -25.05 0.12 9.83
C GLY B 72 -24.69 -1.35 9.64
N ARG B 73 -25.70 -2.18 9.41
CA ARG B 73 -25.48 -3.61 9.30
C ARG B 73 -25.26 -4.03 7.87
N THR B 74 -26.10 -3.52 6.96
CA THR B 74 -26.16 -4.05 5.59
C THR B 74 -25.91 -2.99 4.51
N LEU B 75 -25.22 -3.39 3.46
CA LEU B 75 -24.92 -2.47 2.38
C LEU B 75 -25.13 -3.18 1.06
N ILE B 76 -25.62 -2.47 0.06
CA ILE B 76 -25.77 -3.06 -1.26
C ILE B 76 -25.00 -2.28 -2.30
N ASP B 77 -24.13 -2.96 -3.02
CA ASP B 77 -23.44 -2.33 -4.13
C ASP B 77 -24.26 -2.63 -5.38
N ILE B 78 -24.71 -1.55 -6.05
CA ILE B 78 -25.60 -1.61 -7.22
C ILE B 78 -24.82 -1.58 -8.54
N GLY B 79 -24.93 -2.64 -9.35
CA GLY B 79 -24.18 -2.69 -10.59
C GLY B 79 -22.68 -2.75 -10.35
N SER B 80 -22.25 -3.71 -9.51
CA SER B 80 -20.84 -3.89 -9.17
C SER B 80 -19.94 -4.14 -10.39
N GLY B 81 -20.47 -4.78 -11.42
CA GLY B 81 -19.62 -5.20 -12.52
C GLY B 81 -18.53 -6.14 -12.01
N PRO B 82 -17.35 -6.08 -12.63
CA PRO B 82 -16.30 -6.96 -12.12
C PRO B 82 -15.32 -6.24 -11.18
N THR B 83 -15.74 -5.16 -10.52
CA THR B 83 -14.82 -4.38 -9.69
C THR B 83 -15.18 -4.39 -8.22
N VAL B 84 -14.17 -4.15 -7.38
CA VAL B 84 -14.37 -4.13 -5.93
C VAL B 84 -13.79 -2.89 -5.26
N TYR B 85 -13.03 -2.07 -5.99
CA TYR B 85 -12.37 -0.92 -5.37
C TYR B 85 -13.39 -0.03 -4.60
N GLN B 86 -14.63 0.01 -5.10
CA GLN B 86 -15.67 0.86 -4.52
C GLN B 86 -16.17 0.39 -3.15
N LEU B 87 -15.63 -0.72 -2.67
CA LEU B 87 -16.04 -1.25 -1.38
C LEU B 87 -14.87 -1.31 -0.38
N LEU B 88 -13.70 -0.87 -0.82
CA LEU B 88 -12.49 -0.99 0.00
C LEU B 88 -12.57 -0.23 1.32
N SER B 89 -13.01 1.02 1.28
CA SER B 89 -13.24 1.77 2.51
C SER B 89 -14.57 1.41 3.17
N ALA B 90 -15.52 0.92 2.39
CA ALA B 90 -16.85 0.67 2.92
C ALA B 90 -16.85 -0.50 3.88
N CYS B 91 -16.05 -1.51 3.58
CA CYS B 91 -16.21 -2.80 4.23
C CYS B 91 -15.88 -2.79 5.72
N SER B 92 -15.15 -1.78 6.18
CA SER B 92 -14.92 -1.65 7.62
C SER B 92 -16.16 -1.16 8.40
N HIS B 93 -17.22 -0.77 7.70
CA HIS B 93 -18.40 -0.20 8.36
C HIS B 93 -19.68 -0.99 8.15
N PHE B 94 -19.62 -2.06 7.36
CA PHE B 94 -20.80 -2.88 7.12
C PHE B 94 -20.52 -4.36 7.23
N GLU B 95 -21.19 -5.01 8.18
CA GLU B 95 -21.01 -6.44 8.41
C GLU B 95 -21.53 -7.26 7.23
N ASP B 96 -22.62 -6.81 6.62
CA ASP B 96 -23.23 -7.59 5.55
C ASP B 96 -23.28 -6.78 4.26
N ILE B 97 -22.60 -7.28 3.25
CA ILE B 97 -22.48 -6.58 1.98
C ILE B 97 -23.04 -7.46 0.87
N THR B 98 -23.93 -6.90 0.05
CA THR B 98 -24.45 -7.59 -1.13
C THR B 98 -23.80 -6.97 -2.36
N MET B 99 -23.17 -7.77 -3.21
CA MET B 99 -22.70 -7.25 -4.50
C MET B 99 -23.73 -7.65 -5.55
N THR B 100 -23.72 -7.01 -6.71
CA THR B 100 -24.78 -7.29 -7.70
C THR B 100 -24.31 -6.99 -9.10
N ASP B 101 -24.79 -7.75 -10.08
CA ASP B 101 -24.65 -7.29 -11.48
C ASP B 101 -25.60 -7.96 -12.47
N PHE B 102 -25.86 -7.24 -13.55
CA PHE B 102 -26.71 -7.72 -14.61
C PHE B 102 -26.11 -8.96 -15.28
N LEU B 103 -24.81 -8.88 -15.59
CA LEU B 103 -24.12 -9.92 -16.36
C LEU B 103 -23.55 -11.04 -15.51
N GLU B 104 -23.80 -12.27 -15.93
CA GLU B 104 -23.29 -13.43 -15.21
C GLU B 104 -21.78 -13.46 -15.27
N VAL B 105 -21.22 -12.97 -16.37
CA VAL B 105 -19.78 -13.02 -16.60
C VAL B 105 -19.05 -12.10 -15.64
N ASN B 106 -19.69 -10.99 -15.28
CA ASN B 106 -19.16 -10.14 -14.22
C ASN B 106 -19.28 -10.84 -12.87
N ARG B 107 -20.41 -11.45 -12.60
CA ARG B 107 -20.57 -12.13 -11.33
C ARG B 107 -19.53 -13.23 -11.14
N GLN B 108 -19.14 -13.89 -12.22
CA GLN B 108 -18.11 -14.93 -12.16
C GLN B 108 -16.75 -14.32 -11.89
N GLU B 109 -16.54 -13.15 -12.47
CA GLU B 109 -15.30 -12.44 -12.32
C GLU B 109 -15.14 -12.12 -10.83
N LEU B 110 -16.20 -11.63 -10.21
CA LEU B 110 -16.20 -11.44 -8.76
C LEU B 110 -16.01 -12.77 -8.04
N GLY B 111 -16.59 -13.83 -8.60
CA GLY B 111 -16.38 -15.16 -8.09
C GLY B 111 -14.90 -15.51 -7.98
N ARG B 112 -14.12 -15.18 -9.01
CA ARG B 112 -12.71 -15.54 -9.05
C ARG B 112 -11.99 -14.82 -7.92
N TRP B 113 -12.36 -13.56 -7.69
CA TRP B 113 -11.68 -12.79 -6.69
C TRP B 113 -12.02 -13.29 -5.31
N LEU B 114 -13.31 -13.57 -5.07
CA LEU B 114 -13.71 -14.07 -3.76
C LEU B 114 -12.98 -15.36 -3.38
N GLN B 115 -12.71 -16.22 -4.36
CA GLN B 115 -12.01 -17.47 -4.13
C GLN B 115 -10.50 -17.24 -4.08
N GLU B 116 -10.12 -15.98 -4.19
CA GLU B 116 -8.73 -15.61 -4.14
C GLU B 116 -7.94 -16.41 -5.17
N GLU B 117 -8.55 -16.66 -6.32
CA GLU B 117 -7.86 -17.33 -7.41
C GLU B 117 -6.81 -16.42 -8.03
N PRO B 118 -5.74 -17.02 -8.58
CA PRO B 118 -4.70 -16.27 -9.30
C PRO B 118 -5.22 -15.73 -10.63
N GLY B 119 -6.08 -16.49 -11.30
CA GLY B 119 -6.69 -16.00 -12.52
C GLY B 119 -7.42 -14.67 -12.30
N ALA B 120 -7.77 -14.38 -11.05
CA ALA B 120 -8.58 -13.20 -10.77
C ALA B 120 -7.84 -11.89 -11.06
N PHE B 121 -8.62 -10.82 -11.22
CA PHE B 121 -8.03 -9.50 -11.34
C PHE B 121 -7.39 -9.09 -10.03
N ASN B 122 -6.23 -8.44 -10.14
CA ASN B 122 -5.48 -8.00 -8.98
C ASN B 122 -5.79 -6.57 -8.52
N TRP B 123 -6.49 -6.47 -7.40
CA TRP B 123 -6.87 -5.19 -6.83
C TRP B 123 -5.92 -4.68 -5.73
N SER B 124 -4.80 -5.37 -5.54
CA SER B 124 -3.88 -5.06 -4.43
C SER B 124 -3.35 -3.61 -4.44
N MET B 125 -3.16 -3.01 -5.61
CA MET B 125 -2.74 -1.60 -5.66
C MET B 125 -3.85 -0.70 -5.11
N TYR B 126 -5.09 -1.06 -5.40
CA TYR B 126 -6.23 -0.35 -4.84
C TYR B 126 -6.35 -0.59 -3.33
N SER B 127 -6.25 -1.84 -2.92
CA SER B 127 -6.29 -2.18 -1.50
C SER B 127 -5.22 -1.42 -0.73
N GLN B 128 -4.01 -1.40 -1.28
CA GLN B 128 -2.93 -0.70 -0.60
C GLN B 128 -3.22 0.77 -0.52
N HIS B 129 -3.62 1.37 -1.64
CA HIS B 129 -3.82 2.81 -1.66
C HIS B 129 -4.93 3.21 -0.69
N ALA B 130 -5.98 2.40 -0.60
CA ALA B 130 -7.02 2.63 0.39
C ALA B 130 -6.47 2.59 1.83
N CYS B 131 -5.68 1.56 2.14
CA CYS B 131 -5.07 1.43 3.48
C CYS B 131 -4.23 2.67 3.76
N LEU B 132 -3.52 3.09 2.74
CA LEU B 132 -2.64 4.24 2.81
C LEU B 132 -3.37 5.52 3.14
N ILE B 133 -4.50 5.78 2.49
CA ILE B 133 -5.24 7.01 2.76
C ILE B 133 -6.19 6.91 3.95
N GLU B 134 -6.54 5.69 4.34
CA GLU B 134 -7.39 5.56 5.52
C GLU B 134 -6.60 5.90 6.78
N GLY B 135 -5.28 5.77 6.71
CA GLY B 135 -4.41 6.22 7.79
C GLY B 135 -4.46 5.44 9.09
N LYS B 136 -4.74 4.14 9.01
CA LYS B 136 -4.83 3.31 10.21
C LYS B 136 -3.68 2.31 10.27
N GLY B 137 -2.76 2.41 9.33
CA GLY B 137 -1.67 1.46 9.23
C GLY B 137 -2.10 0.04 8.88
N GLU B 138 -3.32 -0.12 8.39
CA GLU B 138 -3.81 -1.44 8.00
C GLU B 138 -2.98 -1.99 6.84
N CYS B 139 -2.68 -3.27 6.85
CA CYS B 139 -2.05 -3.84 5.66
C CYS B 139 -3.13 -4.30 4.68
N TRP B 140 -2.78 -4.34 3.41
CA TRP B 140 -3.75 -4.57 2.34
C TRP B 140 -4.31 -5.98 2.34
N GLN B 141 -3.50 -6.93 2.78
CA GLN B 141 -3.98 -8.30 2.90
C GLN B 141 -5.11 -8.37 3.91
N ASP B 142 -5.04 -7.54 4.95
CA ASP B 142 -6.08 -7.59 5.96
C ASP B 142 -7.34 -6.97 5.40
N LYS B 143 -7.18 -5.92 4.61
CA LYS B 143 -8.35 -5.23 4.10
C LYS B 143 -9.08 -6.14 3.12
N GLU B 144 -8.33 -6.79 2.22
CA GLU B 144 -8.92 -7.71 1.26
C GLU B 144 -9.58 -8.88 1.93
N ARG B 145 -9.02 -9.36 3.04
CA ARG B 145 -9.57 -10.53 3.72
C ARG B 145 -10.89 -10.14 4.39
N GLN B 146 -10.98 -8.90 4.89
CA GLN B 146 -12.20 -8.38 5.48
C GLN B 146 -13.33 -8.26 4.44
N LEU B 147 -13.03 -7.61 3.32
CA LEU B 147 -13.99 -7.45 2.23
C LEU B 147 -14.53 -8.81 1.82
N ARG B 148 -13.64 -9.77 1.57
CA ARG B 148 -14.05 -11.11 1.18
C ARG B 148 -14.97 -11.75 2.24
N ALA B 149 -14.71 -11.45 3.51
CA ALA B 149 -15.50 -12.04 4.59
C ALA B 149 -16.87 -11.39 4.66
N ARG B 150 -16.92 -10.13 4.27
CA ARG B 150 -18.15 -9.35 4.48
C ARG B 150 -19.10 -9.35 3.27
N VAL B 151 -18.65 -9.83 2.13
CA VAL B 151 -19.49 -9.99 0.97
C VAL B 151 -20.33 -11.27 1.12
N LYS B 152 -21.61 -11.12 1.46
CA LYS B 152 -22.44 -12.30 1.82
C LYS B 152 -23.16 -12.95 0.64
N ARG B 153 -23.15 -12.28 -0.50
CA ARG B 153 -23.81 -12.78 -1.70
C ARG B 153 -23.50 -11.90 -2.89
N VAL B 154 -23.54 -12.50 -4.08
CA VAL B 154 -23.42 -11.79 -5.34
C VAL B 154 -24.66 -12.10 -6.20
N LEU B 155 -25.50 -11.08 -6.40
CA LEU B 155 -26.84 -11.28 -6.93
C LEU B 155 -27.02 -10.63 -8.29
N PRO B 156 -27.91 -11.20 -9.12
CA PRO B 156 -28.29 -10.58 -10.40
C PRO B 156 -29.13 -9.36 -10.09
N ILE B 157 -29.05 -8.35 -10.93
CA ILE B 157 -29.82 -7.14 -10.68
C ILE B 157 -30.21 -6.46 -11.99
N ASP B 158 -31.37 -5.79 -11.98
CA ASP B 158 -31.79 -4.99 -13.13
C ASP B 158 -32.44 -3.72 -12.61
N VAL B 159 -31.75 -2.60 -12.75
CA VAL B 159 -32.22 -1.35 -12.14
C VAL B 159 -33.43 -0.79 -12.87
N HIS B 160 -33.78 -1.39 -14.00
CA HIS B 160 -34.96 -0.94 -14.75
C HIS B 160 -36.24 -1.55 -14.22
N GLN B 161 -36.12 -2.71 -13.56
CA GLN B 161 -37.25 -3.32 -12.87
C GLN B 161 -37.58 -2.50 -11.65
N PRO B 162 -38.87 -2.43 -11.29
CA PRO B 162 -39.32 -1.69 -10.11
C PRO B 162 -38.82 -2.38 -8.82
N GLN B 163 -38.59 -3.68 -8.92
CA GLN B 163 -37.84 -4.40 -7.91
C GLN B 163 -36.58 -4.90 -8.60
N PRO B 164 -35.52 -4.11 -8.50
CA PRO B 164 -34.25 -4.36 -9.19
C PRO B 164 -33.69 -5.76 -8.91
N LEU B 165 -33.91 -6.24 -7.70
CA LEU B 165 -33.40 -7.54 -7.26
C LEU B 165 -34.40 -8.68 -7.46
N GLY B 166 -35.57 -8.36 -7.99
CA GLY B 166 -36.61 -9.35 -8.14
C GLY B 166 -37.39 -9.42 -6.84
N ALA B 167 -38.39 -10.29 -6.79
CA ALA B 167 -39.25 -10.41 -5.62
C ALA B 167 -38.79 -11.53 -4.70
N GLY B 168 -38.91 -11.30 -3.39
CA GLY B 168 -38.47 -12.27 -2.40
C GLY B 168 -37.00 -12.60 -2.54
N SER B 169 -36.20 -11.59 -2.85
CA SER B 169 -34.77 -11.79 -3.06
C SER B 169 -34.04 -11.99 -1.74
N PRO B 170 -32.87 -12.62 -1.81
CA PRO B 170 -32.00 -12.91 -0.66
C PRO B 170 -31.68 -11.67 0.16
N ALA B 171 -31.25 -10.61 -0.54
CA ALA B 171 -30.72 -9.43 0.11
C ALA B 171 -31.55 -9.00 1.32
N PRO B 172 -30.88 -8.74 2.46
CA PRO B 172 -31.55 -8.15 3.61
C PRO B 172 -32.05 -6.78 3.20
N LEU B 173 -33.36 -6.59 3.21
CA LEU B 173 -33.93 -5.30 2.83
C LEU B 173 -34.81 -4.78 3.95
N PRO B 174 -34.91 -3.45 4.06
CA PRO B 174 -34.15 -2.53 3.22
C PRO B 174 -32.73 -2.39 3.75
N ALA B 175 -31.79 -2.07 2.86
CA ALA B 175 -30.39 -1.89 3.23
C ALA B 175 -30.19 -0.59 3.99
N ASP B 176 -29.13 -0.51 4.78
CA ASP B 176 -28.77 0.71 5.51
C ASP B 176 -28.05 1.72 4.61
N ALA B 177 -27.38 1.23 3.57
CA ALA B 177 -26.70 2.12 2.63
C ALA B 177 -26.59 1.46 1.29
N LEU B 178 -26.41 2.29 0.27
CA LEU B 178 -26.18 1.82 -1.09
C LEU B 178 -24.92 2.47 -1.64
N VAL B 179 -24.21 1.71 -2.45
CA VAL B 179 -23.11 2.21 -3.23
C VAL B 179 -23.40 1.88 -4.68
N SER B 180 -23.04 2.75 -5.60
CA SER B 180 -23.13 2.42 -7.00
C SER B 180 -22.15 3.24 -7.80
N ALA B 181 -21.35 2.60 -8.64
CA ALA B 181 -20.38 3.37 -9.41
C ALA B 181 -20.47 3.07 -10.89
N PHE B 182 -20.62 4.12 -11.69
CA PHE B 182 -20.70 3.99 -13.15
C PHE B 182 -21.73 2.97 -13.61
N CYS B 183 -22.81 2.81 -12.87
CA CYS B 183 -23.89 1.95 -13.34
C CYS B 183 -25.01 2.71 -14.09
N LEU B 184 -25.82 3.49 -13.37
CA LEU B 184 -27.02 4.13 -13.90
C LEU B 184 -26.83 4.81 -15.27
N GLU B 185 -25.93 5.78 -15.35
CA GLU B 185 -25.76 6.51 -16.60
C GLU B 185 -25.29 5.60 -17.74
N ALA B 186 -24.76 4.44 -17.39
CA ALA B 186 -24.23 3.51 -18.38
C ALA B 186 -25.24 2.44 -18.83
N VAL B 187 -26.44 2.45 -18.26
CA VAL B 187 -27.45 1.46 -18.67
C VAL B 187 -28.79 2.12 -18.97
N SER B 188 -28.79 3.45 -18.86
CA SER B 188 -29.97 4.26 -19.05
C SER B 188 -29.83 5.03 -20.35
N PRO B 189 -30.72 4.76 -21.33
CA PRO B 189 -30.69 5.42 -22.64
C PRO B 189 -30.93 6.92 -22.58
N ASP B 190 -31.69 7.39 -21.60
CA ASP B 190 -31.94 8.84 -21.47
C ASP B 190 -32.16 9.27 -20.04
N LEU B 191 -32.18 10.59 -19.82
CA LEU B 191 -32.30 11.15 -18.49
C LEU B 191 -33.47 10.56 -17.70
N ALA B 192 -34.59 10.31 -18.39
CA ALA B 192 -35.81 9.83 -17.75
C ALA B 192 -35.66 8.38 -17.28
N SER B 193 -35.00 7.57 -18.10
CA SER B 193 -34.63 6.21 -17.72
C SER B 193 -33.66 6.24 -16.52
N PHE B 194 -32.70 7.16 -16.55
CA PHE B 194 -31.75 7.35 -15.45
C PHE B 194 -32.52 7.64 -14.16
N GLN B 195 -33.44 8.59 -14.24
CA GLN B 195 -34.26 8.99 -13.11
C GLN B 195 -35.06 7.83 -12.55
N ARG B 196 -35.72 7.08 -13.42
CA ARG B 196 -36.45 5.89 -13.00
C ARG B 196 -35.55 4.85 -12.31
N ALA B 197 -34.44 4.51 -12.96
CA ALA B 197 -33.49 3.58 -12.35
C ALA B 197 -33.12 4.06 -10.95
N LEU B 198 -32.81 5.35 -10.82
CA LEU B 198 -32.59 5.93 -9.51
C LEU B 198 -33.76 5.65 -8.54
N ASP B 199 -34.99 5.83 -9.01
CA ASP B 199 -36.16 5.62 -8.17
C ASP B 199 -36.29 4.18 -7.72
N HIS B 200 -35.99 3.23 -8.62
CA HIS B 200 -36.07 1.81 -8.26
C HIS B 200 -35.07 1.40 -7.18
N ILE B 201 -33.79 1.71 -7.38
CA ILE B 201 -32.78 1.33 -6.39
C ILE B 201 -33.05 1.99 -5.04
N THR B 202 -33.65 3.17 -5.08
CA THR B 202 -33.96 3.92 -3.87
C THR B 202 -34.96 3.17 -2.98
N THR B 203 -35.79 2.33 -3.58
CA THR B 203 -36.71 1.50 -2.82
C THR B 203 -35.96 0.47 -1.95
N LEU B 204 -34.69 0.22 -2.26
CA LEU B 204 -33.91 -0.76 -1.49
C LEU B 204 -33.26 -0.14 -0.25
N LEU B 205 -33.20 1.19 -0.23
CA LEU B 205 -32.57 1.92 0.86
C LEU B 205 -33.57 2.27 1.96
N ARG B 206 -33.21 2.06 3.22
CA ARG B 206 -34.12 2.46 4.30
C ARG B 206 -34.13 3.98 4.36
N PRO B 207 -35.18 4.55 4.96
CA PRO B 207 -35.24 6.00 5.14
C PRO B 207 -34.21 6.41 6.16
N GLY B 208 -33.49 7.49 5.88
CA GLY B 208 -32.37 7.88 6.71
C GLY B 208 -31.08 7.22 6.26
N GLY B 209 -31.19 6.29 5.30
CA GLY B 209 -30.02 5.63 4.77
C GLY B 209 -29.22 6.50 3.80
N HIS B 210 -28.03 6.05 3.44
CA HIS B 210 -27.15 6.83 2.58
C HIS B 210 -26.86 6.16 1.25
N LEU B 211 -26.78 6.96 0.20
CA LEU B 211 -26.34 6.46 -1.07
C LEU B 211 -25.04 7.14 -1.45
N LEU B 212 -24.06 6.36 -1.86
CA LEU B 212 -22.82 6.93 -2.40
C LEU B 212 -22.77 6.61 -3.87
N LEU B 213 -22.74 7.65 -4.69
CA LEU B 213 -22.95 7.47 -6.12
C LEU B 213 -21.82 8.08 -6.90
N ILE B 214 -21.20 7.28 -7.77
CA ILE B 214 -20.12 7.74 -8.62
C ILE B 214 -20.47 7.45 -10.08
N GLY B 215 -20.12 8.35 -10.99
CA GLY B 215 -20.47 8.12 -12.37
C GLY B 215 -19.74 9.02 -13.34
N ALA B 216 -19.88 8.75 -14.64
CA ALA B 216 -19.26 9.56 -15.69
C ALA B 216 -20.08 10.82 -15.97
N LEU B 217 -19.42 11.96 -16.20
CA LEU B 217 -20.11 13.19 -16.58
C LEU B 217 -19.94 13.47 -18.07
N GLU B 218 -21.02 13.87 -18.74
CA GLU B 218 -20.99 14.19 -20.17
C GLU B 218 -20.33 13.10 -21.00
N GLU B 219 -20.68 11.85 -20.71
CA GLU B 219 -20.20 10.75 -21.52
C GLU B 219 -21.31 10.14 -22.39
N SER B 220 -20.98 9.81 -23.64
CA SER B 220 -21.96 9.18 -24.52
C SER B 220 -21.61 7.74 -24.97
N TRP B 221 -20.36 7.34 -24.80
CA TRP B 221 -19.96 5.97 -25.14
C TRP B 221 -18.71 5.51 -24.37
N TYR B 222 -18.55 4.20 -24.24
CA TYR B 222 -17.31 3.63 -23.77
C TYR B 222 -17.17 2.23 -24.36
N LEU B 223 -15.96 1.70 -24.29
CA LEU B 223 -15.63 0.42 -24.89
C LEU B 223 -15.38 -0.67 -23.85
N ALA B 224 -15.86 -1.88 -24.13
CA ALA B 224 -15.63 -3.03 -23.27
C ALA B 224 -15.29 -4.25 -24.12
N GLY B 225 -14.24 -4.12 -24.94
CA GLY B 225 -13.88 -5.15 -25.91
C GLY B 225 -14.48 -4.85 -27.28
N GLU B 226 -15.31 -5.75 -27.78
CA GLU B 226 -16.01 -5.54 -29.05
C GLU B 226 -17.08 -4.50 -28.79
N ALA B 227 -17.75 -4.69 -27.66
CA ALA B 227 -18.86 -3.85 -27.24
C ALA B 227 -18.47 -2.38 -27.11
N ARG B 228 -18.97 -1.54 -28.01
CA ARG B 228 -18.95 -0.10 -27.83
C ARG B 228 -20.32 0.37 -27.34
N LEU B 229 -20.44 0.63 -26.04
CA LEU B 229 -21.76 0.85 -25.43
C LEU B 229 -22.19 2.31 -25.35
N THR B 230 -23.50 2.51 -25.25
CA THR B 230 -24.07 3.84 -25.29
C THR B 230 -24.39 4.31 -23.88
N VAL B 231 -24.11 5.59 -23.64
CA VAL B 231 -24.26 6.17 -22.32
C VAL B 231 -25.04 7.48 -22.47
N VAL B 232 -25.93 7.76 -21.52
CA VAL B 232 -26.62 9.04 -21.47
C VAL B 232 -25.70 10.08 -20.86
N PRO B 233 -25.26 11.07 -21.65
CA PRO B 233 -24.43 12.12 -21.05
C PRO B 233 -25.25 12.92 -20.05
N VAL B 234 -24.76 13.06 -18.83
CA VAL B 234 -25.43 13.82 -17.77
C VAL B 234 -24.45 14.80 -17.14
N SER B 235 -24.99 15.79 -16.46
CA SER B 235 -24.23 16.87 -15.89
C SER B 235 -24.34 16.83 -14.37
N GLU B 236 -23.49 17.56 -13.67
CA GLU B 236 -23.63 17.65 -12.22
C GLU B 236 -25.07 18.02 -11.89
N GLU B 237 -25.60 19.06 -12.52
CA GLU B 237 -26.91 19.57 -12.12
C GLU B 237 -28.06 18.59 -12.40
N GLU B 238 -27.99 17.88 -13.54
CA GLU B 238 -28.92 16.78 -13.80
C GLU B 238 -28.85 15.69 -12.72
N VAL B 239 -27.63 15.29 -12.34
CA VAL B 239 -27.45 14.34 -11.24
C VAL B 239 -28.08 14.86 -9.95
N ARG B 240 -27.81 16.12 -9.62
CA ARG B 240 -28.40 16.70 -8.41
C ARG B 240 -29.94 16.64 -8.44
N GLU B 241 -30.51 17.07 -9.55
CA GLU B 241 -31.97 17.15 -9.63
C GLU B 241 -32.56 15.76 -9.48
N ALA B 242 -31.94 14.76 -10.11
CA ALA B 242 -32.45 13.40 -10.02
C ALA B 242 -32.49 12.94 -8.56
N LEU B 243 -31.43 13.26 -7.81
CA LEU B 243 -31.33 12.83 -6.42
C LEU B 243 -32.43 13.49 -5.59
N VAL B 244 -32.62 14.79 -5.79
CA VAL B 244 -33.71 15.49 -5.13
C VAL B 244 -35.04 14.84 -5.52
N ARG B 245 -35.21 14.58 -6.80
CA ARG B 245 -36.43 13.99 -7.32
C ARG B 245 -36.74 12.66 -6.65
N SER B 246 -35.69 11.94 -6.26
CA SER B 246 -35.88 10.61 -5.70
C SER B 246 -36.05 10.65 -4.20
N GLY B 247 -35.93 11.85 -3.62
CA GLY B 247 -36.15 12.02 -2.19
C GLY B 247 -34.89 11.93 -1.35
N TYR B 248 -33.82 12.53 -1.86
CA TYR B 248 -32.55 12.55 -1.13
C TYR B 248 -32.22 13.97 -0.77
N LYS B 249 -31.61 14.15 0.40
CA LYS B 249 -30.89 15.37 0.67
C LYS B 249 -29.47 15.14 0.17
N VAL B 250 -28.94 16.10 -0.59
CA VAL B 250 -27.60 15.99 -1.11
C VAL B 250 -26.64 16.55 -0.08
N ARG B 251 -25.81 15.66 0.47
CA ARG B 251 -24.84 16.02 1.52
C ARG B 251 -23.57 16.49 0.88
N ASP B 252 -23.18 15.83 -0.20
CA ASP B 252 -21.98 16.20 -0.90
C ASP B 252 -22.10 15.84 -2.36
N LEU B 253 -21.59 16.70 -3.24
CA LEU B 253 -21.51 16.41 -4.66
C LEU B 253 -20.31 17.11 -5.29
N ARG B 254 -19.35 16.34 -5.75
CA ARG B 254 -18.14 16.95 -6.25
C ARG B 254 -17.78 16.35 -7.58
N THR B 255 -16.94 17.09 -8.31
CA THR B 255 -16.64 16.78 -9.70
C THR B 255 -15.16 16.72 -9.93
N TYR B 256 -14.74 15.71 -10.67
CA TYR B 256 -13.37 15.58 -11.13
C TYR B 256 -13.34 15.81 -12.64
N ILE B 257 -12.47 16.69 -13.10
CA ILE B 257 -12.35 16.93 -14.54
C ILE B 257 -11.25 16.07 -15.14
N MET B 258 -11.60 15.29 -16.16
CA MET B 258 -10.64 14.34 -16.71
C MET B 258 -9.47 15.04 -17.41
N PRO B 259 -8.25 14.77 -16.95
CA PRO B 259 -7.07 15.37 -17.59
C PRO B 259 -6.85 14.78 -18.97
N ALA B 260 -6.31 15.59 -19.88
CA ALA B 260 -6.18 15.21 -21.27
C ALA B 260 -5.54 13.84 -21.45
N HIS B 261 -4.53 13.56 -20.64
CA HIS B 261 -3.75 12.35 -20.82
C HIS B 261 -4.42 11.13 -20.18
N LEU B 262 -5.50 11.36 -19.45
CA LEU B 262 -6.33 10.24 -19.04
C LEU B 262 -7.50 10.02 -20.03
N GLN B 263 -7.61 10.89 -21.02
CA GLN B 263 -8.61 10.72 -22.05
C GLN B 263 -8.02 9.88 -23.18
N THR B 264 -8.19 8.57 -23.08
CA THR B 264 -7.43 7.61 -23.90
C THR B 264 -8.21 6.90 -25.01
N GLY B 265 -9.43 7.31 -25.26
CA GLY B 265 -10.17 6.72 -26.36
C GLY B 265 -10.84 5.41 -26.01
N VAL B 266 -10.91 5.09 -24.73
CA VAL B 266 -11.74 3.98 -24.27
C VAL B 266 -13.17 4.50 -23.99
N ASP B 267 -13.30 5.82 -23.89
CA ASP B 267 -14.59 6.50 -23.74
C ASP B 267 -14.47 7.97 -24.13
N ASP B 268 -15.51 8.75 -23.89
CA ASP B 268 -15.47 10.17 -24.18
C ASP B 268 -15.87 10.91 -22.92
N VAL B 269 -15.62 10.27 -21.79
CA VAL B 269 -15.93 10.84 -20.48
C VAL B 269 -15.22 12.18 -20.29
N LYS B 270 -15.92 13.16 -19.72
CA LYS B 270 -15.33 14.48 -19.55
C LYS B 270 -14.95 14.73 -18.11
N GLY B 271 -15.60 14.01 -17.20
CA GLY B 271 -15.35 14.14 -15.78
C GLY B 271 -16.06 13.04 -15.03
N VAL B 272 -15.87 13.02 -13.71
CA VAL B 272 -16.45 11.97 -12.88
C VAL B 272 -17.10 12.71 -11.71
N PHE B 273 -18.25 12.22 -11.25
CA PHE B 273 -18.95 12.87 -10.13
C PHE B 273 -19.00 11.92 -8.95
N PHE B 274 -19.04 12.49 -7.75
CA PHE B 274 -19.23 11.66 -6.58
C PHE B 274 -20.30 12.34 -5.79
N ALA B 275 -21.32 11.56 -5.41
CA ALA B 275 -22.43 12.11 -4.68
C ALA B 275 -22.63 11.36 -3.38
N TRP B 276 -22.72 12.12 -2.30
CA TRP B 276 -23.15 11.57 -1.03
C TRP B 276 -24.57 12.07 -0.74
N ALA B 277 -25.53 11.15 -0.72
CA ALA B 277 -26.93 11.54 -0.52
C ALA B 277 -27.61 10.69 0.55
N GLN B 278 -28.51 11.32 1.29
CA GLN B 278 -29.21 10.63 2.36
C GLN B 278 -30.72 10.62 2.08
N LYS B 279 -31.29 9.42 2.01
CA LYS B 279 -32.72 9.27 1.76
C LYS B 279 -33.58 9.88 2.87
N VAL B 280 -34.39 10.86 2.50
CA VAL B 280 -35.29 11.54 3.44
C VAL B 280 -36.24 10.54 4.10
N GLY B 281 -36.24 10.54 5.44
CA GLY B 281 -37.11 9.64 6.18
C GLY B 281 -37.60 10.21 7.50
#